data_7SKT
#
_entry.id   7SKT
#
_cell.length_a   60.445
_cell.length_b   78.453
_cell.length_c   135.38
_cell.angle_alpha   90
_cell.angle_beta   90
_cell.angle_gamma   90
#
_symmetry.space_group_name_H-M   'P 21 21 21'
#
loop_
_entity.id
_entity.type
_entity.pdbx_description
1 polymer 'Matrix protein'
2 water water
#
_entity_poly.entity_id   1
_entity_poly.type   'polypeptide(L)'
_entity_poly.pdbx_seq_one_letter_code
;MAGWSHPQFEKGGGSGGGSGGGSWSHPQFEKGGSDDDDKSGGEPDIKSISSESMEGVSDFSPSSWEHGGYLDKVEPEIDE
NGSMIPKYKIYTPGANERKYNNYMYLICYGFVEDVERTPETGKRKKIRTIAAYPLGVGKSASHPQDLLEELCSLKVTVRR
TAGSTEKIVFGSSGPLNHLVPWKKVLTSGSIFNAVKVCRNVDQIQLDKHQALRIFFLSITKLNDSGIYMIPRTMLEFRRN
NAIAFNLLVYLKIDADLSKMGIQGSLDKDGFKVASFMLHLGNFVRRAGKYYSVDYCRRKIDRMKLQFSLGSIGGLSLHIK
INGVISKRLFAQMGFQKNLCFSLMDINPWLNRLTWNNSCEISRVAAVLQPSIPREFMIYDDVFIDNTGRILKG
;
_entity_poly.pdbx_strand_id   A,B
#
# COMPACT_ATOMS: atom_id res chain seq x y z
N MET A 84 2.53 -28.07 -0.75
CA MET A 84 2.40 -29.39 -0.11
C MET A 84 3.46 -29.54 1.01
N ILE A 85 4.73 -29.88 0.69
CA ILE A 85 5.75 -30.07 1.72
C ILE A 85 6.10 -28.70 2.35
N PRO A 86 5.92 -28.47 3.67
CA PRO A 86 6.29 -27.16 4.23
C PRO A 86 7.79 -26.95 4.26
N LYS A 87 8.25 -25.71 4.00
CA LYS A 87 9.67 -25.39 3.93
C LYS A 87 10.02 -24.15 4.75
N TYR A 88 11.31 -23.96 5.02
CA TYR A 88 11.79 -22.81 5.76
C TYR A 88 13.02 -22.21 5.08
N LYS A 89 13.35 -20.98 5.44
CA LYS A 89 14.55 -20.29 4.99
C LYS A 89 15.10 -19.53 6.18
N ILE A 90 16.41 -19.61 6.41
CA ILE A 90 17.03 -18.90 7.54
C ILE A 90 18.02 -17.85 7.00
N TYR A 91 18.02 -16.65 7.60
CA TYR A 91 18.94 -15.57 7.25
C TYR A 91 19.73 -15.19 8.48
N THR A 92 21.01 -14.91 8.30
CA THR A 92 21.91 -14.46 9.36
C THR A 92 22.60 -13.17 8.84
N PRO A 93 21.93 -12.02 8.85
CA PRO A 93 22.56 -10.80 8.34
C PRO A 93 23.73 -10.31 9.22
N GLY A 94 24.69 -9.63 8.61
CA GLY A 94 25.85 -9.10 9.32
C GLY A 94 27.13 -9.88 9.09
N TYR A 100 26.74 -15.74 18.85
CA TYR A 100 25.71 -15.84 19.88
C TYR A 100 24.40 -15.20 19.41
N ASN A 101 23.80 -15.77 18.35
CA ASN A 101 22.53 -15.30 17.82
C ASN A 101 21.39 -16.02 18.57
N ASN A 102 21.08 -15.55 19.78
CA ASN A 102 20.04 -16.15 20.64
C ASN A 102 18.60 -15.82 20.21
N TYR A 103 18.38 -14.68 19.55
CA TYR A 103 17.05 -14.24 19.15
C TYR A 103 16.72 -14.57 17.72
N MET A 104 15.44 -14.79 17.44
CA MET A 104 14.99 -15.14 16.10
C MET A 104 13.71 -14.38 15.78
N TYR A 105 13.68 -13.79 14.60
CA TYR A 105 12.50 -13.14 14.09
C TYR A 105 11.81 -14.16 13.21
N LEU A 106 10.48 -14.32 13.37
CA LEU A 106 9.71 -15.22 12.52
C LEU A 106 8.64 -14.48 11.73
N ILE A 107 8.43 -14.94 10.49
CA ILE A 107 7.33 -14.53 9.63
C ILE A 107 6.93 -15.77 8.83
N CYS A 108 5.66 -16.18 8.90
CA CYS A 108 5.22 -17.38 8.19
C CYS A 108 4.24 -17.00 7.10
N TYR A 109 4.07 -17.89 6.13
CA TYR A 109 3.20 -17.67 4.99
C TYR A 109 2.28 -18.87 4.85
N GLY A 110 1.05 -18.61 4.47
CA GLY A 110 0.05 -19.66 4.32
C GLY A 110 -1.02 -19.33 3.30
N PHE A 111 -1.71 -20.36 2.82
CA PHE A 111 -2.82 -20.14 1.91
C PHE A 111 -4.04 -19.77 2.75
N VAL A 112 -4.84 -18.82 2.30
CA VAL A 112 -6.09 -18.46 2.95
C VAL A 112 -7.13 -19.27 2.20
N GLU A 113 -7.78 -20.22 2.88
CA GLU A 113 -8.72 -21.14 2.24
C GLU A 113 -10.10 -21.12 2.88
N ASP A 114 -11.10 -21.61 2.14
CA ASP A 114 -12.44 -21.80 2.67
C ASP A 114 -12.36 -22.97 3.62
N VAL A 115 -12.87 -22.81 4.86
CA VAL A 115 -12.83 -23.93 5.82
C VAL A 115 -13.84 -25.03 5.40
N GLU A 116 -14.99 -24.63 4.79
CA GLU A 116 -16.04 -25.53 4.32
C GLU A 116 -16.65 -26.33 5.47
N LYS A 125 -10.40 -27.91 -1.09
CA LYS A 125 -10.16 -26.64 -0.40
C LYS A 125 -9.83 -25.53 -1.40
N LYS A 126 -10.79 -24.64 -1.68
CA LYS A 126 -10.57 -23.53 -2.61
C LYS A 126 -9.61 -22.50 -1.98
N ILE A 127 -8.44 -22.30 -2.60
CA ILE A 127 -7.43 -21.34 -2.16
C ILE A 127 -7.91 -19.98 -2.63
N ARG A 128 -7.94 -18.98 -1.74
CA ARG A 128 -8.38 -17.63 -2.10
C ARG A 128 -7.20 -16.70 -2.36
N THR A 129 -6.14 -16.80 -1.55
CA THR A 129 -4.94 -15.96 -1.69
C THR A 129 -3.82 -16.51 -0.76
N ILE A 130 -2.63 -15.92 -0.80
CA ILE A 130 -1.53 -16.23 0.10
C ILE A 130 -1.37 -15.03 1.02
N ALA A 131 -1.08 -15.28 2.29
CA ALA A 131 -0.91 -14.20 3.26
C ALA A 131 0.30 -14.45 4.15
N ALA A 132 0.86 -13.37 4.65
CA ALA A 132 1.99 -13.35 5.54
C ALA A 132 1.52 -13.09 6.95
N TYR A 133 2.09 -13.77 7.93
CA TYR A 133 1.76 -13.58 9.33
C TYR A 133 3.04 -13.28 10.10
N PRO A 134 3.45 -12.00 10.16
CA PRO A 134 4.64 -11.66 10.96
C PRO A 134 4.41 -11.97 12.44
N LEU A 135 5.37 -12.65 13.12
CA LEU A 135 5.27 -12.99 14.54
C LEU A 135 6.28 -12.23 15.45
N GLY A 136 7.27 -11.56 14.87
CA GLY A 136 8.23 -10.80 15.64
C GLY A 136 9.34 -11.64 16.24
N VAL A 137 10.03 -11.08 17.23
CA VAL A 137 11.18 -11.71 17.84
C VAL A 137 10.85 -12.49 19.09
N GLY A 138 11.64 -13.55 19.33
CA GLY A 138 11.59 -14.41 20.50
C GLY A 138 12.97 -15.00 20.79
N LYS A 139 13.33 -15.18 22.06
CA LYS A 139 14.61 -15.82 22.40
C LYS A 139 14.37 -17.32 22.25
N SER A 140 15.08 -17.96 21.33
CA SER A 140 14.90 -19.38 21.10
C SER A 140 16.14 -20.03 20.56
N ALA A 141 16.33 -21.28 20.93
CA ALA A 141 17.39 -22.15 20.44
C ALA A 141 16.78 -23.41 19.74
N SER A 142 15.48 -23.36 19.35
CA SER A 142 14.83 -24.47 18.66
C SER A 142 15.26 -24.45 17.19
N HIS A 143 15.37 -25.63 16.59
CA HIS A 143 15.76 -25.74 15.19
C HIS A 143 14.60 -25.24 14.31
N PRO A 144 14.85 -24.65 13.13
CA PRO A 144 13.73 -24.20 12.28
C PRO A 144 12.70 -25.28 11.97
N GLN A 145 13.11 -26.53 11.70
CA GLN A 145 12.15 -27.61 11.38
C GLN A 145 11.13 -27.82 12.51
N ASP A 146 11.56 -27.76 13.77
CA ASP A 146 10.68 -27.91 14.92
C ASP A 146 9.68 -26.74 15.00
N LEU A 147 10.15 -25.51 14.73
CA LEU A 147 9.27 -24.35 14.73
C LEU A 147 8.27 -24.46 13.57
N LEU A 148 8.75 -24.80 12.36
CA LEU A 148 7.91 -24.95 11.18
C LEU A 148 6.84 -26.02 11.36
N GLU A 149 7.21 -27.19 11.91
CA GLU A 149 6.26 -28.28 12.07
C GLU A 149 5.18 -27.93 13.10
N GLU A 150 5.54 -27.18 14.15
CA GLU A 150 4.57 -26.79 15.16
C GLU A 150 3.64 -25.70 14.57
N LEU A 151 4.17 -24.75 13.79
CA LEU A 151 3.33 -23.73 13.17
C LEU A 151 2.32 -24.35 12.23
N CYS A 152 2.72 -25.39 11.49
CA CYS A 152 1.81 -26.06 10.56
C CYS A 152 0.67 -26.81 11.26
N SER A 153 0.87 -27.22 12.52
CA SER A 153 -0.17 -27.88 13.29
C SER A 153 -1.23 -26.89 13.80
N LEU A 154 -0.90 -25.59 13.89
CA LEU A 154 -1.83 -24.60 14.43
C LEU A 154 -3.02 -24.36 13.52
N LYS A 155 -4.16 -24.02 14.14
CA LYS A 155 -5.39 -23.66 13.45
C LYS A 155 -5.49 -22.15 13.56
N VAL A 156 -5.24 -21.40 12.48
CA VAL A 156 -5.31 -19.94 12.54
C VAL A 156 -6.44 -19.45 11.65
N THR A 157 -7.45 -18.77 12.25
CA THR A 157 -8.57 -18.22 11.49
C THR A 157 -8.15 -16.89 10.85
N VAL A 158 -8.79 -16.54 9.73
CA VAL A 158 -8.51 -15.34 8.99
C VAL A 158 -9.81 -14.59 8.79
N ARG A 159 -9.86 -13.33 9.25
CA ARG A 159 -11.05 -12.49 9.15
C ARG A 159 -10.66 -11.19 8.49
N ARG A 160 -11.43 -10.80 7.51
CA ARG A 160 -11.19 -9.59 6.75
C ARG A 160 -12.04 -8.50 7.41
N THR A 161 -11.47 -7.31 7.63
CA THR A 161 -12.24 -6.20 8.22
C THR A 161 -11.75 -4.87 7.60
N ALA A 162 -12.30 -3.73 8.03
CA ALA A 162 -11.94 -2.42 7.51
C ALA A 162 -11.76 -1.40 8.62
N GLY A 163 -10.87 -0.44 8.41
CA GLY A 163 -10.65 0.71 9.29
C GLY A 163 -10.60 1.88 8.33
N SER A 164 -9.45 2.59 8.28
CA SER A 164 -9.21 3.58 7.23
C SER A 164 -8.80 2.81 5.93
N THR A 165 -8.21 1.58 6.08
CA THR A 165 -7.80 0.71 5.00
C THR A 165 -8.21 -0.74 5.31
N GLU A 166 -8.13 -1.64 4.32
CA GLU A 166 -8.46 -3.04 4.53
C GLU A 166 -7.52 -3.67 5.54
N LYS A 167 -8.08 -4.49 6.44
CA LYS A 167 -7.30 -5.15 7.47
C LYS A 167 -7.57 -6.63 7.48
N ILE A 168 -6.63 -7.39 8.04
CA ILE A 168 -6.76 -8.83 8.22
C ILE A 168 -6.48 -9.09 9.68
N VAL A 169 -7.34 -9.89 10.31
CA VAL A 169 -7.21 -10.27 11.70
C VAL A 169 -6.90 -11.75 11.70
N PHE A 170 -5.74 -12.10 12.23
CA PHE A 170 -5.34 -13.49 12.39
C PHE A 170 -5.80 -13.89 13.79
N GLY A 171 -6.51 -15.00 13.86
CA GLY A 171 -7.06 -15.48 15.12
C GLY A 171 -6.04 -16.12 16.04
N SER A 172 -6.36 -16.14 17.34
CA SER A 172 -5.50 -16.72 18.34
C SER A 172 -5.37 -18.23 18.10
N SER A 173 -4.22 -18.77 18.41
CA SER A 173 -3.95 -20.19 18.19
C SER A 173 -3.14 -20.78 19.35
N GLY A 174 -3.02 -22.09 19.31
CA GLY A 174 -2.29 -22.87 20.30
C GLY A 174 -2.81 -24.29 20.29
N PRO A 175 -2.36 -25.13 21.23
CA PRO A 175 -1.34 -24.87 22.25
C PRO A 175 0.08 -24.86 21.66
N LEU A 176 1.07 -24.42 22.44
CA LEU A 176 2.45 -24.25 22.01
C LEU A 176 3.50 -24.95 22.88
N ASN A 177 4.66 -25.22 22.31
CA ASN A 177 5.81 -25.80 23.01
C ASN A 177 7.06 -25.02 22.51
N HIS A 178 7.59 -25.30 21.31
CA HIS A 178 8.72 -24.56 20.74
C HIS A 178 8.33 -23.11 20.44
N LEU A 179 7.02 -22.83 20.17
CA LEU A 179 6.57 -21.49 19.86
C LEU A 179 6.17 -20.66 21.09
N VAL A 180 6.44 -21.14 22.31
CA VAL A 180 6.13 -20.41 23.54
C VAL A 180 6.85 -19.02 23.58
N PRO A 181 8.11 -18.84 23.10
CA PRO A 181 8.69 -17.49 23.06
C PRO A 181 7.82 -16.47 22.30
N TRP A 182 6.98 -16.89 21.33
CA TRP A 182 6.08 -16.02 20.60
C TRP A 182 4.62 -16.16 21.07
N LYS A 183 4.37 -16.56 22.33
CA LYS A 183 3.00 -16.78 22.78
C LYS A 183 2.18 -15.49 22.86
N LYS A 184 2.81 -14.33 23.17
CA LYS A 184 2.06 -13.05 23.21
C LYS A 184 1.34 -12.78 21.87
N VAL A 185 2.03 -12.98 20.74
CA VAL A 185 1.40 -12.79 19.43
C VAL A 185 0.45 -13.95 19.06
N LEU A 186 0.95 -15.18 19.13
CA LEU A 186 0.16 -16.34 18.69
C LEU A 186 -1.14 -16.58 19.49
N THR A 187 -1.17 -16.36 20.81
CA THR A 187 -2.37 -16.65 21.60
C THR A 187 -3.35 -15.48 21.71
N SER A 188 -3.14 -14.40 20.95
CA SER A 188 -4.08 -13.28 20.92
C SER A 188 -4.42 -12.96 19.46
N GLY A 189 -5.44 -12.14 19.23
CA GLY A 189 -5.76 -11.70 17.88
C GLY A 189 -4.67 -10.77 17.37
N SER A 190 -4.31 -10.87 16.07
CA SER A 190 -3.29 -9.96 15.51
C SER A 190 -3.89 -9.28 14.27
N ILE A 191 -3.86 -7.96 14.21
CA ILE A 191 -4.46 -7.22 13.09
C ILE A 191 -3.40 -6.53 12.27
N PHE A 192 -3.45 -6.67 10.93
CA PHE A 192 -2.48 -6.03 10.04
C PHE A 192 -3.17 -5.34 8.89
N ASN A 193 -2.47 -4.37 8.25
CA ASN A 193 -2.96 -3.74 7.03
C ASN A 193 -2.85 -4.77 5.93
N ALA A 194 -3.96 -5.12 5.30
CA ALA A 194 -4.01 -6.11 4.22
C ALA A 194 -3.03 -5.87 3.07
N VAL A 195 -2.73 -4.60 2.75
CA VAL A 195 -1.81 -4.25 1.66
C VAL A 195 -0.40 -4.79 1.93
N LYS A 196 0.02 -4.78 3.20
CA LYS A 196 1.31 -5.30 3.60
C LYS A 196 1.37 -6.82 3.65
N VAL A 197 0.33 -7.50 4.16
CA VAL A 197 0.41 -8.93 4.40
C VAL A 197 -0.39 -9.79 3.43
N CYS A 198 -0.92 -9.23 2.34
CA CYS A 198 -1.74 -10.02 1.41
C CYS A 198 -1.84 -9.32 0.06
N ARG A 199 -1.73 -10.06 -1.07
CA ARG A 199 -1.84 -9.43 -2.39
C ARG A 199 -3.29 -9.36 -2.86
N ASN A 200 -4.10 -10.41 -2.58
CA ASN A 200 -5.50 -10.43 -3.01
C ASN A 200 -6.50 -10.51 -1.85
N VAL A 201 -6.48 -9.53 -0.95
CA VAL A 201 -7.48 -9.44 0.12
C VAL A 201 -8.90 -9.31 -0.49
N ASP A 202 -9.03 -8.67 -1.65
CA ASP A 202 -10.30 -8.54 -2.39
C ASP A 202 -10.98 -9.90 -2.69
N GLN A 203 -10.23 -11.03 -2.57
CA GLN A 203 -10.75 -12.38 -2.81
C GLN A 203 -11.11 -13.11 -1.51
N ILE A 204 -10.74 -12.59 -0.31
CA ILE A 204 -11.09 -13.26 0.95
C ILE A 204 -12.59 -13.03 1.17
N GLN A 205 -13.33 -14.11 1.43
CA GLN A 205 -14.80 -14.08 1.59
C GLN A 205 -15.23 -13.59 2.97
N LEU A 206 -16.41 -12.96 3.04
CA LEU A 206 -17.00 -12.48 4.30
C LEU A 206 -18.17 -13.38 4.73
N ASP A 207 -18.88 -13.99 3.77
CA ASP A 207 -20.03 -14.84 4.04
C ASP A 207 -19.63 -16.28 4.45
N LYS A 208 -18.35 -16.67 4.34
CA LYS A 208 -17.91 -17.99 4.80
C LYS A 208 -16.60 -17.90 5.58
N HIS A 209 -16.36 -18.88 6.47
CA HIS A 209 -15.17 -18.85 7.32
C HIS A 209 -13.90 -19.14 6.53
N GLN A 210 -12.80 -18.52 6.94
CA GLN A 210 -11.50 -18.61 6.27
C GLN A 210 -10.42 -19.01 7.28
N ALA A 211 -9.44 -19.79 6.82
CA ALA A 211 -8.34 -20.24 7.66
C ALA A 211 -7.02 -20.12 6.92
N LEU A 212 -5.90 -20.02 7.65
CA LEU A 212 -4.56 -19.92 7.09
C LEU A 212 -3.87 -21.28 7.19
N ARG A 213 -3.50 -21.88 6.05
CA ARG A 213 -2.78 -23.14 6.02
C ARG A 213 -1.31 -22.81 5.78
N ILE A 214 -0.51 -22.73 6.84
CA ILE A 214 0.91 -22.37 6.75
C ILE A 214 1.71 -23.39 5.94
N PHE A 215 2.53 -22.91 4.99
CA PHE A 215 3.38 -23.76 4.14
C PHE A 215 4.86 -23.27 4.14
N PHE A 216 5.19 -22.11 4.74
CA PHE A 216 6.56 -21.62 4.72
C PHE A 216 6.84 -20.77 5.96
N LEU A 217 8.06 -20.89 6.50
CA LEU A 217 8.53 -20.11 7.62
C LEU A 217 9.85 -19.45 7.23
N SER A 218 9.97 -18.14 7.44
CA SER A 218 11.21 -17.44 7.19
C SER A 218 11.73 -16.95 8.54
N ILE A 219 13.04 -17.11 8.79
CA ILE A 219 13.69 -16.78 10.04
C ILE A 219 14.86 -15.87 9.84
N THR A 220 15.06 -14.89 10.74
CA THR A 220 16.24 -14.05 10.77
C THR A 220 16.86 -14.26 12.14
N LYS A 221 18.07 -14.79 12.17
CA LYS A 221 18.87 -14.97 13.38
C LYS A 221 19.38 -13.59 13.73
N LEU A 222 19.11 -13.13 14.97
CA LEU A 222 19.51 -11.79 15.43
C LEU A 222 20.36 -11.84 16.70
N ASN A 223 21.08 -10.74 16.97
CA ASN A 223 21.90 -10.56 18.17
C ASN A 223 21.08 -9.93 19.32
N ASP A 224 19.96 -9.21 18.99
CA ASP A 224 19.03 -8.50 19.88
C ASP A 224 19.42 -8.46 21.37
N GLY A 226 19.33 -5.79 18.85
CA GLY A 226 18.12 -5.72 18.02
C GLY A 226 18.35 -5.04 16.70
N ILE A 227 17.29 -4.93 15.90
CA ILE A 227 17.38 -4.27 14.61
C ILE A 227 17.03 -2.79 14.82
N TYR A 228 17.77 -1.88 14.18
CA TYR A 228 17.49 -0.45 14.26
C TYR A 228 16.97 0.01 12.91
N MET A 229 15.87 0.75 12.91
CA MET A 229 15.34 1.32 11.68
C MET A 229 15.30 2.83 11.85
N ILE A 230 15.67 3.56 10.82
CA ILE A 230 15.66 5.03 10.87
C ILE A 230 14.20 5.49 10.95
N PRO A 231 13.82 6.35 11.92
CA PRO A 231 12.39 6.77 12.00
C PRO A 231 11.80 7.25 10.67
N ARG A 232 10.51 6.98 10.46
CA ARG A 232 9.81 7.38 9.25
C ARG A 232 9.88 8.92 9.05
N THR A 233 9.80 9.71 10.12
CA THR A 233 9.87 11.18 9.99
C THR A 233 11.24 11.67 9.58
N MET A 234 12.31 10.95 9.95
CA MET A 234 13.66 11.31 9.52
C MET A 234 13.81 10.97 8.02
N LEU A 235 13.31 9.80 7.59
CA LEU A 235 13.40 9.39 6.19
C LEU A 235 12.60 10.29 5.25
N GLU A 236 11.49 10.87 5.72
CA GLU A 236 10.63 11.74 4.92
C GLU A 236 11.10 13.21 4.89
N PHE A 237 12.16 13.58 5.61
CA PHE A 237 12.64 14.95 5.64
C PHE A 237 13.29 15.37 4.30
N ARG A 238 12.77 16.43 3.68
CA ARG A 238 13.31 16.95 2.41
C ARG A 238 13.69 18.40 2.62
N ARG A 239 14.80 18.81 2.02
CA ARG A 239 15.34 20.16 2.19
C ARG A 239 15.88 20.71 0.87
N ASN A 240 15.84 22.04 0.71
CA ASN A 240 16.38 22.69 -0.47
C ASN A 240 17.91 22.54 -0.45
N ASN A 241 18.52 22.57 -1.63
CA ASN A 241 19.97 22.52 -1.80
C ASN A 241 20.60 21.31 -1.12
N ALA A 242 19.94 20.17 -1.19
CA ALA A 242 20.42 18.96 -0.55
C ALA A 242 20.43 17.82 -1.53
N ILE A 243 21.33 16.88 -1.31
CA ILE A 243 21.50 15.71 -2.15
C ILE A 243 21.07 14.52 -1.31
N ALA A 244 20.02 13.84 -1.73
CA ALA A 244 19.53 12.64 -1.07
C ALA A 244 20.46 11.52 -1.47
N PHE A 245 21.05 10.83 -0.49
CA PHE A 245 21.93 9.69 -0.67
C PHE A 245 21.05 8.41 -0.66
N ASN A 246 20.66 7.94 -1.84
CA ASN A 246 19.83 6.76 -1.97
C ASN A 246 20.63 5.58 -2.48
N LEU A 247 20.14 4.38 -2.23
CA LEU A 247 20.74 3.15 -2.70
C LEU A 247 19.72 2.42 -3.52
N LEU A 248 20.13 1.85 -4.64
CA LEU A 248 19.28 1.07 -5.51
C LEU A 248 19.79 -0.37 -5.39
N VAL A 249 19.01 -1.27 -4.79
CA VAL A 249 19.40 -2.65 -4.59
C VAL A 249 18.75 -3.51 -5.64
N TYR A 250 19.53 -4.31 -6.33
CA TYR A 250 18.99 -5.26 -7.31
C TYR A 250 18.99 -6.67 -6.69
N LEU A 251 17.84 -7.34 -6.72
CA LEU A 251 17.68 -8.70 -6.23
C LEU A 251 17.55 -9.66 -7.38
N LYS A 252 18.11 -10.84 -7.22
CA LYS A 252 17.92 -11.97 -8.11
C LYS A 252 16.97 -12.88 -7.29
N ILE A 253 15.79 -13.20 -7.85
CA ILE A 253 14.79 -13.99 -7.14
C ILE A 253 14.52 -15.27 -7.94
N ASP A 254 14.35 -16.40 -7.22
CA ASP A 254 14.08 -17.72 -7.81
C ASP A 254 12.60 -18.04 -7.65
N LYS A 272 14.33 -13.94 -12.25
CA LYS A 272 13.71 -12.62 -12.17
C LYS A 272 14.61 -11.62 -11.45
N VAL A 273 14.94 -10.51 -12.12
CA VAL A 273 15.73 -9.44 -11.51
C VAL A 273 14.80 -8.27 -11.21
N ALA A 274 14.90 -7.69 -10.02
CA ALA A 274 14.07 -6.57 -9.62
C ALA A 274 14.88 -5.63 -8.74
N SER A 275 14.45 -4.37 -8.60
CA SER A 275 15.18 -3.41 -7.79
C SER A 275 14.27 -2.68 -6.83
N PHE A 276 14.86 -2.16 -5.77
CA PHE A 276 14.16 -1.36 -4.80
C PHE A 276 15.11 -0.30 -4.30
N MET A 277 14.58 0.85 -3.93
CA MET A 277 15.41 1.97 -3.53
C MET A 277 15.14 2.39 -2.13
N LEU A 278 16.20 2.69 -1.40
CA LEU A 278 16.07 3.16 -0.03
C LEU A 278 16.82 4.47 0.20
N HIS A 279 16.45 5.21 1.22
CA HIS A 279 17.03 6.53 1.51
C HIS A 279 17.87 6.45 2.77
N LEU A 280 19.11 6.96 2.73
CA LEU A 280 19.99 6.91 3.92
C LEU A 280 20.04 8.23 4.66
N GLY A 281 20.01 9.31 3.91
CA GLY A 281 20.05 10.66 4.46
C GLY A 281 20.39 11.66 3.37
N ASN A 282 20.70 12.89 3.76
CA ASN A 282 21.04 13.95 2.82
C ASN A 282 22.37 14.62 3.16
N PHE A 283 23.06 15.12 2.12
CA PHE A 283 24.27 15.95 2.24
C PHE A 283 23.86 17.34 1.74
N VAL A 284 24.57 18.39 2.18
CA VAL A 284 24.31 19.73 1.66
C VAL A 284 25.03 19.85 0.31
N ARG A 285 24.37 20.44 -0.68
CA ARG A 285 24.97 20.63 -2.01
C ARG A 285 25.85 21.87 -1.99
N ARG A 286 26.96 21.84 -2.73
CA ARG A 286 27.92 22.94 -2.85
C ARG A 286 27.74 23.62 -4.21
N LYS A 289 29.56 23.11 -7.35
CA LYS A 289 30.46 21.98 -7.49
C LYS A 289 29.86 20.95 -8.43
N TYR A 290 30.67 20.38 -9.34
CA TYR A 290 30.23 19.34 -10.26
C TYR A 290 30.48 18.00 -9.56
N TYR A 291 29.41 17.31 -9.19
CA TYR A 291 29.50 16.02 -8.50
C TYR A 291 29.70 14.90 -9.49
N SER A 292 30.96 14.58 -9.79
CA SER A 292 31.28 13.50 -10.73
C SER A 292 31.11 12.12 -10.08
N VAL A 293 30.93 11.10 -10.91
CA VAL A 293 30.78 9.73 -10.43
C VAL A 293 32.07 9.29 -9.69
N ASP A 294 33.25 9.78 -10.12
CA ASP A 294 34.54 9.42 -9.49
C ASP A 294 34.71 10.02 -8.09
N TYR A 295 34.37 11.30 -7.92
CA TYR A 295 34.48 11.99 -6.63
C TYR A 295 33.54 11.33 -5.61
N CYS A 296 32.28 11.11 -5.99
CA CYS A 296 31.27 10.52 -5.11
C CYS A 296 31.62 9.09 -4.77
N ARG A 297 32.11 8.31 -5.75
CA ARG A 297 32.55 6.93 -5.52
C ARG A 297 33.64 6.88 -4.46
N ARG A 298 34.58 7.85 -4.45
CA ARG A 298 35.65 7.86 -3.43
C ARG A 298 35.08 8.07 -2.04
N LYS A 299 34.16 9.04 -1.87
CA LYS A 299 33.54 9.33 -0.59
C LYS A 299 32.69 8.15 -0.08
N ILE A 300 31.90 7.53 -0.98
CA ILE A 300 31.05 6.41 -0.61
C ILE A 300 31.90 5.18 -0.29
N ASP A 301 32.99 4.95 -1.05
CA ASP A 301 33.88 3.82 -0.77
C ASP A 301 34.51 3.90 0.63
N ARG A 302 34.79 5.12 1.11
CA ARG A 302 35.37 5.29 2.44
C ARG A 302 34.38 4.93 3.56
N MET A 303 33.07 4.88 3.29
CA MET A 303 32.08 4.48 4.29
C MET A 303 32.12 2.97 4.52
N LYS A 304 32.59 2.16 3.54
CA LYS A 304 32.69 0.71 3.65
C LYS A 304 31.36 0.08 4.06
N LEU A 305 30.35 0.34 3.25
CA LEU A 305 29.02 -0.19 3.49
C LEU A 305 29.01 -1.70 3.20
N GLN A 306 28.33 -2.48 4.06
CA GLN A 306 28.22 -3.93 3.90
C GLN A 306 26.74 -4.26 3.89
N PHE A 307 26.27 -4.98 2.88
CA PHE A 307 24.85 -5.29 2.73
C PHE A 307 24.57 -6.76 2.93
N SER A 308 23.45 -7.07 3.57
CA SER A 308 23.04 -8.46 3.75
C SER A 308 21.52 -8.54 3.90
N LEU A 309 20.96 -9.71 3.59
CA LEU A 309 19.52 -9.91 3.63
C LEU A 309 19.01 -10.54 4.91
N GLY A 310 17.78 -10.20 5.23
CA GLY A 310 17.01 -10.78 6.31
C GLY A 310 15.57 -10.97 5.84
N SER A 311 14.69 -11.35 6.77
CA SER A 311 13.28 -11.54 6.47
C SER A 311 12.40 -10.64 7.33
N ILE A 312 12.91 -9.51 7.85
CA ILE A 312 12.07 -8.62 8.66
C ILE A 312 11.00 -7.99 7.74
N GLY A 313 9.74 -8.36 7.99
CA GLY A 313 8.62 -7.92 7.18
C GLY A 313 8.53 -8.58 5.82
N GLY A 314 9.21 -9.71 5.61
CA GLY A 314 9.22 -10.43 4.35
C GLY A 314 10.65 -10.50 3.84
N LEU A 315 11.19 -9.37 3.43
CA LEU A 315 12.59 -9.28 3.03
C LEU A 315 13.13 -7.98 3.56
N SER A 316 14.28 -8.02 4.21
CA SER A 316 14.90 -6.84 4.77
C SER A 316 16.34 -6.70 4.29
N LEU A 317 16.80 -5.44 4.22
CA LEU A 317 18.17 -5.16 3.83
C LEU A 317 18.85 -4.58 5.04
N HIS A 318 19.98 -5.17 5.40
CA HIS A 318 20.75 -4.82 6.57
C HIS A 318 22.06 -4.18 6.12
N ILE A 319 22.38 -3.01 6.69
CA ILE A 319 23.59 -2.27 6.31
C ILE A 319 24.47 -2.11 7.52
N LYS A 320 25.76 -2.35 7.36
CA LYS A 320 26.73 -2.11 8.41
C LYS A 320 27.71 -1.12 7.84
N ILE A 321 27.92 0.00 8.52
CA ILE A 321 28.89 1.02 8.11
C ILE A 321 30.20 0.59 8.74
N ASN A 322 31.15 0.11 7.94
CA ASN A 322 32.42 -0.36 8.48
C ASN A 322 33.58 0.62 8.37
N GLY A 323 33.36 1.79 7.78
CA GLY A 323 34.40 2.78 7.56
C GLY A 323 34.08 4.11 8.18
N VAL A 324 34.40 5.19 7.46
CA VAL A 324 34.22 6.56 7.93
C VAL A 324 32.97 7.20 7.35
N ILE A 325 32.26 7.96 8.19
CA ILE A 325 31.04 8.66 7.81
C ILE A 325 31.09 10.08 8.40
N SER A 326 30.57 11.07 7.67
CA SER A 326 30.53 12.44 8.17
C SER A 326 29.59 12.56 9.36
N LYS A 327 29.87 13.50 10.27
CA LYS A 327 29.06 13.71 11.47
C LYS A 327 27.61 14.04 11.10
N ARG A 328 27.40 14.80 10.01
CA ARG A 328 26.07 15.18 9.53
C ARG A 328 25.25 13.96 9.13
N LEU A 329 25.81 13.04 8.34
CA LEU A 329 25.05 11.87 7.89
C LEU A 329 24.81 10.91 9.07
N PHE A 330 25.82 10.74 9.94
CA PHE A 330 25.74 9.83 11.07
C PHE A 330 24.64 10.27 12.03
N ALA A 331 24.46 11.58 12.24
CA ALA A 331 23.39 12.12 13.08
C ALA A 331 22.01 11.76 12.49
N GLN A 332 21.88 11.82 11.17
CA GLN A 332 20.63 11.45 10.48
C GLN A 332 20.33 9.94 10.57
N MET A 333 21.37 9.12 10.80
CA MET A 333 21.24 7.68 11.00
C MET A 333 21.11 7.32 12.51
N GLY A 334 20.87 8.30 13.37
CA GLY A 334 20.75 8.09 14.81
C GLY A 334 22.01 7.59 15.48
N PHE A 335 23.17 7.89 14.87
CA PHE A 335 24.49 7.45 15.31
C PHE A 335 24.58 5.94 15.35
N GLN A 336 23.93 5.25 14.40
CA GLN A 336 23.91 3.80 14.37
C GLN A 336 24.72 3.29 13.21
N LYS A 337 25.61 2.32 13.47
CA LYS A 337 26.40 1.73 12.41
C LYS A 337 25.69 0.50 11.79
N ASN A 338 24.59 0.01 12.38
CA ASN A 338 23.82 -1.11 11.83
C ASN A 338 22.39 -0.65 11.59
N LEU A 339 21.95 -0.66 10.32
CA LEU A 339 20.63 -0.20 9.90
C LEU A 339 19.84 -1.31 9.25
N CYS A 340 18.52 -1.28 9.39
CA CYS A 340 17.66 -2.26 8.77
C CYS A 340 16.52 -1.55 8.02
N PHE A 341 16.20 -2.04 6.82
CA PHE A 341 15.14 -1.50 5.98
C PHE A 341 14.28 -2.67 5.52
N SER A 342 12.97 -2.61 5.72
CA SER A 342 12.10 -3.69 5.28
C SER A 342 11.49 -3.37 3.92
N LEU A 343 11.52 -4.34 3.02
CA LEU A 343 10.87 -4.22 1.73
C LEU A 343 9.32 -4.06 1.92
N MET A 344 8.76 -4.47 3.07
CA MET A 344 7.33 -4.28 3.36
C MET A 344 6.96 -2.78 3.35
N ASP A 345 7.89 -1.91 3.80
CA ASP A 345 7.71 -0.47 3.84
C ASP A 345 8.17 0.17 2.51
N ILE A 346 9.29 -0.28 1.94
CA ILE A 346 9.82 0.29 0.69
C ILE A 346 8.88 0.03 -0.49
N ASN A 347 8.50 -1.22 -0.70
CA ASN A 347 7.62 -1.59 -1.81
C ASN A 347 6.88 -2.88 -1.41
N PRO A 348 5.67 -2.77 -0.84
CA PRO A 348 4.96 -4.00 -0.44
C PRO A 348 4.52 -4.90 -1.60
N TRP A 349 4.48 -4.40 -2.86
CA TRP A 349 4.08 -5.23 -4.01
C TRP A 349 5.23 -6.17 -4.37
N LEU A 350 6.45 -5.65 -4.52
CA LEU A 350 7.62 -6.48 -4.81
C LEU A 350 7.92 -7.41 -3.62
N ASN A 351 7.70 -6.94 -2.39
CA ASN A 351 7.90 -7.77 -1.18
C ASN A 351 7.20 -9.15 -1.26
N ARG A 352 5.97 -9.21 -1.80
CA ARG A 352 5.22 -10.46 -1.99
C ARG A 352 6.03 -11.47 -2.81
N LEU A 353 6.72 -11.02 -3.85
CA LEU A 353 7.51 -11.90 -4.71
C LEU A 353 8.67 -12.59 -4.02
N THR A 354 9.14 -12.08 -2.86
CA THR A 354 10.26 -12.64 -2.12
C THR A 354 9.89 -13.64 -1.00
N TRP A 355 8.61 -13.67 -0.59
CA TRP A 355 8.13 -14.42 0.56
C TRP A 355 8.64 -15.89 0.67
N ASN A 356 8.29 -16.75 -0.28
CA ASN A 356 8.73 -18.15 -0.23
C ASN A 356 9.68 -18.48 -1.39
N ASN A 357 10.51 -17.51 -1.78
CA ASN A 357 11.46 -17.67 -2.88
C ASN A 357 12.84 -17.24 -2.41
N SER A 358 13.87 -17.98 -2.84
CA SER A 358 15.24 -17.67 -2.44
C SER A 358 15.67 -16.37 -3.12
N CYS A 359 16.24 -15.45 -2.34
CA CYS A 359 16.67 -14.14 -2.84
C CYS A 359 18.12 -13.93 -2.57
N GLU A 360 18.75 -13.17 -3.46
CA GLU A 360 20.16 -12.82 -3.32
C GLU A 360 20.33 -11.41 -3.84
N ILE A 361 21.19 -10.62 -3.19
CA ILE A 361 21.52 -9.30 -3.68
C ILE A 361 22.50 -9.54 -4.83
N SER A 362 22.20 -9.06 -6.03
CA SER A 362 23.10 -9.22 -7.15
C SER A 362 23.95 -7.97 -7.36
N ARG A 363 23.42 -6.78 -7.03
CA ARG A 363 24.12 -5.54 -7.25
C ARG A 363 23.53 -4.41 -6.41
N VAL A 364 24.35 -3.44 -6.03
CA VAL A 364 23.88 -2.27 -5.29
C VAL A 364 24.52 -1.04 -5.93
N ALA A 365 23.72 -0.01 -6.27
CA ALA A 365 24.25 1.24 -6.81
C ALA A 365 23.84 2.37 -5.89
N ALA A 366 24.64 3.42 -5.80
CA ALA A 366 24.25 4.61 -5.03
C ALA A 366 23.67 5.59 -6.06
N VAL A 367 22.57 6.26 -5.71
CA VAL A 367 21.90 7.21 -6.59
C VAL A 367 21.77 8.49 -5.82
N LEU A 368 22.54 9.51 -6.19
CA LEU A 368 22.48 10.79 -5.50
C LEU A 368 21.51 11.66 -6.31
N GLN A 369 20.46 12.12 -5.65
CA GLN A 369 19.38 12.87 -6.29
C GLN A 369 19.10 14.16 -5.55
N PRO A 370 18.37 15.14 -6.12
CA PRO A 370 17.89 16.26 -5.29
C PRO A 370 16.91 15.75 -4.22
N SER A 371 16.64 16.57 -3.22
CA SER A 371 15.79 16.20 -2.11
C SER A 371 14.34 16.73 -2.32
N ILE A 372 14.14 18.03 -2.66
CA ILE A 372 12.78 18.55 -2.87
C ILE A 372 12.29 18.40 -4.34
N PRO A 373 10.97 18.18 -4.57
CA PRO A 373 10.48 18.05 -5.97
C PRO A 373 10.89 19.13 -6.99
N ARG A 374 10.88 20.42 -6.61
CA ARG A 374 11.24 21.47 -7.54
C ARG A 374 12.70 21.36 -8.02
N GLU A 375 13.59 20.78 -7.21
CA GLU A 375 14.99 20.63 -7.64
C GLU A 375 15.19 19.46 -8.61
N PHE A 376 14.18 18.57 -8.79
CA PHE A 376 14.27 17.51 -9.80
C PHE A 376 14.22 18.09 -11.23
N MET A 377 13.69 19.32 -11.41
CA MET A 377 13.71 19.99 -12.70
C MET A 377 15.11 20.53 -13.02
N ILE A 378 15.97 20.74 -12.01
CA ILE A 378 17.26 21.38 -12.17
C ILE A 378 18.41 20.38 -12.26
N TYR A 379 18.45 19.42 -11.30
CA TYR A 379 19.57 18.51 -11.11
C TYR A 379 19.23 17.11 -11.51
N ASP A 380 20.08 16.51 -12.34
CA ASP A 380 19.90 15.13 -12.73
C ASP A 380 20.52 14.23 -11.63
N ASP A 381 20.22 12.93 -11.67
CA ASP A 381 20.73 11.95 -10.71
C ASP A 381 22.17 11.58 -11.04
N VAL A 382 22.99 11.29 -10.00
CA VAL A 382 24.35 10.78 -10.18
C VAL A 382 24.26 9.29 -9.82
N PHE A 383 24.57 8.41 -10.77
CA PHE A 383 24.48 6.96 -10.59
C PHE A 383 25.88 6.36 -10.41
N ILE A 384 26.18 5.78 -9.21
CA ILE A 384 27.46 5.14 -8.92
C ILE A 384 27.18 3.65 -8.79
N ASP A 385 27.46 2.87 -9.83
CA ASP A 385 27.16 1.45 -9.83
C ASP A 385 28.15 0.64 -8.95
N ASN A 386 27.74 -0.53 -8.49
CA ASN A 386 28.61 -1.43 -7.71
C ASN A 386 29.25 -0.77 -6.49
N THR A 387 28.44 -0.19 -5.61
CA THR A 387 28.94 0.39 -4.36
C THR A 387 28.87 -0.68 -3.24
N GLY A 388 29.70 -0.51 -2.23
CA GLY A 388 29.72 -1.37 -1.07
C GLY A 388 30.13 -2.81 -1.32
N ARG A 389 29.87 -3.66 -0.35
CA ARG A 389 30.24 -5.06 -0.37
C ARG A 389 29.04 -5.88 0.05
N ILE A 390 28.63 -6.84 -0.76
CA ILE A 390 27.52 -7.73 -0.45
C ILE A 390 28.12 -8.86 0.37
N LEU A 391 27.63 -9.07 1.61
CA LEU A 391 28.15 -10.14 2.45
C LEU A 391 27.45 -11.42 2.01
N LYS A 392 28.20 -12.33 1.41
CA LYS A 392 27.65 -13.59 0.92
C LYS A 392 27.31 -14.51 2.09
N ILE B 85 -4.19 6.44 -28.78
CA ILE B 85 -5.63 6.70 -28.85
C ILE B 85 -6.17 7.13 -27.49
N PRO B 86 -5.80 8.32 -27.01
CA PRO B 86 -6.28 8.78 -25.69
C PRO B 86 -7.79 8.90 -25.58
N LYS B 87 -8.33 8.62 -24.40
CA LYS B 87 -9.77 8.71 -24.16
C LYS B 87 -10.07 9.26 -22.77
N TYR B 88 -11.33 9.65 -22.54
CA TYR B 88 -11.74 10.17 -21.24
C TYR B 88 -13.04 9.51 -20.76
N LYS B 89 -13.34 9.65 -19.45
CA LYS B 89 -14.56 9.13 -18.82
C LYS B 89 -14.99 10.13 -17.74
N ILE B 90 -16.30 10.44 -17.70
CA ILE B 90 -16.87 11.37 -16.74
C ILE B 90 -17.75 10.60 -15.79
N TYR B 91 -17.64 10.91 -14.49
CA TYR B 91 -18.49 10.33 -13.45
C TYR B 91 -19.24 11.50 -12.81
N THR B 92 -20.53 11.31 -12.57
CA THR B 92 -21.34 12.31 -11.90
C THR B 92 -22.01 11.60 -10.73
N PRO B 93 -21.29 11.42 -9.60
CA PRO B 93 -21.90 10.71 -8.46
C PRO B 93 -23.06 11.48 -7.84
N GLY B 94 -23.99 10.75 -7.25
CA GLY B 94 -25.19 11.31 -6.62
C GLY B 94 -26.38 11.32 -7.56
N ASN B 101 -22.63 22.03 -11.76
CA ASN B 101 -21.50 21.35 -11.10
C ASN B 101 -20.33 22.33 -10.85
N ASN B 102 -19.82 22.99 -11.91
CA ASN B 102 -18.72 23.98 -11.88
C ASN B 102 -17.31 23.41 -11.63
N TYR B 103 -17.17 22.53 -10.64
CA TYR B 103 -15.89 21.95 -10.25
C TYR B 103 -15.72 20.56 -10.79
N MET B 104 -14.47 20.19 -11.10
CA MET B 104 -14.16 18.84 -11.59
C MET B 104 -12.88 18.37 -10.94
N TYR B 105 -12.83 17.09 -10.54
CA TYR B 105 -11.60 16.48 -10.05
C TYR B 105 -11.00 15.77 -11.27
N LEU B 106 -9.69 15.91 -11.48
CA LEU B 106 -9.01 15.22 -12.58
C LEU B 106 -7.93 14.27 -12.08
N ILE B 107 -7.84 13.10 -12.72
CA ILE B 107 -6.78 12.13 -12.53
C ILE B 107 -6.48 11.55 -13.92
N CYS B 108 -5.20 11.53 -14.31
CA CYS B 108 -4.83 10.98 -15.61
C CYS B 108 -3.88 9.82 -15.45
N TYR B 109 -3.83 8.95 -16.45
CA TYR B 109 -3.01 7.76 -16.46
C TYR B 109 -2.15 7.80 -17.70
N GLY B 110 -0.90 7.36 -17.56
CA GLY B 110 0.04 7.34 -18.67
C GLY B 110 1.05 6.22 -18.57
N PHE B 111 1.71 5.93 -19.68
CA PHE B 111 2.79 4.97 -19.73
C PHE B 111 4.05 5.69 -19.31
N VAL B 112 4.89 5.03 -18.52
CA VAL B 112 6.19 5.56 -18.15
C VAL B 112 7.12 4.92 -19.17
N GLU B 113 7.74 5.73 -20.04
CA GLU B 113 8.56 5.22 -21.14
C GLU B 113 9.95 5.85 -21.16
N ASP B 114 10.92 5.13 -21.73
CA ASP B 114 12.27 5.65 -21.95
C ASP B 114 12.17 6.76 -23.00
N VAL B 115 12.83 7.90 -22.78
CA VAL B 115 12.78 9.00 -23.75
C VAL B 115 13.58 8.68 -25.02
N GLU B 116 14.66 7.89 -24.92
CA GLU B 116 15.48 7.56 -26.09
C GLU B 116 14.78 6.56 -27.02
N LYS B 126 9.50 1.98 -25.79
CA LYS B 126 9.80 1.06 -24.70
C LYS B 126 9.03 1.42 -23.43
N ILE B 127 7.83 0.85 -23.25
CA ILE B 127 7.01 1.10 -22.06
C ILE B 127 7.54 0.28 -20.90
N ARG B 128 7.58 0.86 -19.69
CA ARG B 128 8.10 0.19 -18.50
C ARG B 128 6.99 -0.13 -17.49
N THR B 129 6.02 0.78 -17.31
CA THR B 129 4.90 0.61 -16.40
C THR B 129 3.81 1.68 -16.71
N ILE B 130 2.70 1.66 -15.95
CA ILE B 130 1.64 2.65 -16.03
C ILE B 130 1.61 3.41 -14.70
N ALA B 131 1.40 4.74 -14.73
CA ALA B 131 1.31 5.55 -13.52
C ALA B 131 0.13 6.52 -13.60
N ALA B 132 -0.38 6.91 -12.44
CA ALA B 132 -1.50 7.82 -12.28
C ALA B 132 -0.98 9.16 -11.80
N TYR B 133 -1.54 10.25 -12.32
CA TYR B 133 -1.15 11.59 -11.91
C TYR B 133 -2.41 12.31 -11.43
N PRO B 134 -2.71 12.23 -10.12
CA PRO B 134 -3.88 12.97 -9.62
C PRO B 134 -3.60 14.48 -9.66
N LEU B 135 -4.50 15.25 -10.27
CA LEU B 135 -4.34 16.69 -10.37
C LEU B 135 -5.25 17.46 -9.38
N GLY B 136 -6.27 16.82 -8.81
CA GLY B 136 -7.13 17.49 -7.84
C GLY B 136 -8.28 18.26 -8.47
N VAL B 137 -8.88 19.17 -7.68
CA VAL B 137 -10.06 19.92 -8.07
C VAL B 137 -9.67 21.28 -8.66
N GLY B 138 -10.49 21.73 -9.61
CA GLY B 138 -10.38 23.03 -10.24
C GLY B 138 -11.72 23.44 -10.83
N LYS B 139 -12.02 24.74 -10.85
CA LYS B 139 -13.28 25.23 -11.43
C LYS B 139 -13.05 25.39 -12.93
N SER B 140 -13.84 24.69 -13.76
CA SER B 140 -13.67 24.79 -15.20
C SER B 140 -14.96 24.60 -15.97
N ALA B 141 -15.08 25.33 -17.08
CA ALA B 141 -16.16 25.24 -18.05
C ALA B 141 -15.66 24.58 -19.36
N SER B 142 -14.35 24.26 -19.50
CA SER B 142 -13.80 23.62 -20.69
C SER B 142 -14.40 22.24 -20.89
N HIS B 143 -14.58 21.85 -22.15
CA HIS B 143 -15.12 20.55 -22.50
C HIS B 143 -14.11 19.45 -22.15
N PRO B 144 -14.52 18.29 -21.59
CA PRO B 144 -13.55 17.22 -21.30
C PRO B 144 -12.64 16.82 -22.47
N GLN B 145 -13.12 16.92 -23.74
CA GLN B 145 -12.29 16.55 -24.89
C GLN B 145 -11.11 17.51 -25.04
N ASP B 146 -11.29 18.80 -24.70
CA ASP B 146 -10.21 19.78 -24.79
C ASP B 146 -9.23 19.63 -23.63
N LEU B 147 -9.72 19.23 -22.43
CA LEU B 147 -8.80 19.02 -21.30
C LEU B 147 -7.89 17.84 -21.61
N LEU B 148 -8.47 16.73 -22.11
CA LEU B 148 -7.72 15.54 -22.51
C LEU B 148 -6.68 15.87 -23.59
N GLU B 149 -7.07 16.59 -24.65
CA GLU B 149 -6.16 16.92 -25.73
C GLU B 149 -4.99 17.79 -25.27
N GLU B 150 -5.22 18.67 -24.28
CA GLU B 150 -4.17 19.52 -23.76
C GLU B 150 -3.23 18.74 -22.85
N LEU B 151 -3.76 17.82 -22.03
CA LEU B 151 -2.90 16.99 -21.17
C LEU B 151 -1.99 16.11 -22.00
N CYS B 152 -2.51 15.55 -23.09
CA CYS B 152 -1.74 14.69 -23.96
C CYS B 152 -0.61 15.41 -24.69
N SER B 153 -0.71 16.75 -24.86
CA SER B 153 0.34 17.53 -25.51
C SER B 153 1.47 17.91 -24.52
N LEU B 154 1.23 17.84 -23.20
CA LEU B 154 2.25 18.21 -22.22
C LEU B 154 3.38 17.18 -22.16
N LYS B 155 4.58 17.63 -21.77
CA LYS B 155 5.73 16.76 -21.59
C LYS B 155 5.95 16.65 -20.09
N VAL B 156 5.57 15.52 -19.48
CA VAL B 156 5.72 15.34 -18.04
C VAL B 156 6.85 14.33 -17.80
N THR B 157 7.91 14.75 -17.10
CA THR B 157 9.02 13.84 -16.80
C THR B 157 8.65 12.98 -15.58
N VAL B 158 9.25 11.81 -15.48
CA VAL B 158 9.00 10.91 -14.37
C VAL B 158 10.35 10.57 -13.78
N ARG B 159 10.47 10.71 -12.45
CA ARG B 159 11.70 10.39 -11.71
C ARG B 159 11.33 9.51 -10.54
N ARG B 160 12.06 8.42 -10.37
CA ARG B 160 11.83 7.50 -9.26
C ARG B 160 12.79 7.90 -8.16
N THR B 161 12.32 7.95 -6.91
CA THR B 161 13.18 8.32 -5.79
C THR B 161 12.70 7.59 -4.53
N ALA B 162 13.31 7.87 -3.36
CA ALA B 162 12.95 7.23 -2.10
C ALA B 162 12.88 8.24 -0.96
N GLY B 163 12.04 7.93 0.02
CA GLY B 163 11.90 8.64 1.28
C GLY B 163 11.82 7.53 2.31
N SER B 164 10.67 7.41 3.01
CA SER B 164 10.42 6.24 3.87
C SER B 164 9.93 5.07 2.97
N THR B 165 9.37 5.35 1.77
CA THR B 165 8.88 4.38 0.79
C THR B 165 9.26 4.87 -0.63
N GLU B 166 9.04 4.05 -1.67
CA GLU B 166 9.33 4.48 -3.05
C GLU B 166 8.41 5.67 -3.42
N LYS B 167 8.94 6.64 -4.14
CA LYS B 167 8.20 7.83 -4.57
C LYS B 167 8.33 8.01 -6.07
N ILE B 168 7.34 8.69 -6.65
CA ILE B 168 7.36 9.11 -8.05
C ILE B 168 7.30 10.61 -8.05
N VAL B 169 8.21 11.28 -8.76
CA VAL B 169 8.19 12.73 -8.93
C VAL B 169 7.81 13.00 -10.38
N PHE B 170 6.70 13.72 -10.61
CA PHE B 170 6.30 14.15 -11.94
C PHE B 170 6.84 15.56 -12.10
N GLY B 171 7.48 15.81 -13.23
CA GLY B 171 8.07 17.11 -13.48
C GLY B 171 7.02 18.16 -13.79
N SER B 172 7.38 19.43 -13.60
CA SER B 172 6.49 20.54 -13.87
C SER B 172 6.24 20.61 -15.39
N SER B 173 5.00 20.90 -15.76
CA SER B 173 4.63 20.97 -17.15
C SER B 173 3.91 22.29 -17.48
N GLY B 174 3.80 22.55 -18.76
CA GLY B 174 3.19 23.75 -19.31
C GLY B 174 3.68 23.97 -20.71
N PRO B 175 3.26 25.06 -21.40
CA PRO B 175 2.26 26.06 -20.97
C PRO B 175 0.84 25.52 -21.02
N LEU B 176 -0.10 26.22 -20.38
CA LEU B 176 -1.48 25.78 -20.21
C LEU B 176 -2.50 26.79 -20.73
N ASN B 177 -3.72 26.31 -20.99
CA ASN B 177 -4.83 27.13 -21.44
C ASN B 177 -6.09 26.58 -20.73
N HIS B 178 -6.69 25.47 -21.20
CA HIS B 178 -7.85 24.87 -20.54
C HIS B 178 -7.46 24.29 -19.16
N LEU B 179 -6.19 23.90 -18.96
CA LEU B 179 -5.75 23.35 -17.68
C LEU B 179 -5.25 24.41 -16.70
N VAL B 180 -5.39 25.72 -17.01
CA VAL B 180 -4.98 26.81 -16.13
C VAL B 180 -5.60 26.67 -14.70
N PRO B 181 -6.88 26.24 -14.52
CA PRO B 181 -7.40 26.03 -13.16
C PRO B 181 -6.65 24.99 -12.31
N TRP B 182 -5.80 24.14 -12.94
CA TRP B 182 -4.95 23.14 -12.27
C TRP B 182 -3.46 23.52 -12.35
N LYS B 183 -3.13 24.80 -12.61
CA LYS B 183 -1.74 25.21 -12.78
C LYS B 183 -0.89 25.06 -11.53
N LYS B 184 -1.49 25.16 -10.32
CA LYS B 184 -0.68 25.06 -9.10
C LYS B 184 -0.05 23.67 -8.99
N VAL B 185 -0.80 22.62 -9.38
CA VAL B 185 -0.25 21.27 -9.39
C VAL B 185 0.64 21.05 -10.64
N LEU B 186 0.13 21.36 -11.83
CA LEU B 186 0.84 21.07 -13.06
C LEU B 186 2.14 21.81 -13.27
N THR B 187 2.19 23.11 -12.97
CA THR B 187 3.39 23.91 -13.24
C THR B 187 4.47 23.76 -12.18
N SER B 188 4.35 22.84 -11.23
CA SER B 188 5.41 22.60 -10.24
C SER B 188 5.65 21.09 -10.17
N GLY B 189 6.76 20.68 -9.55
CA GLY B 189 7.03 19.26 -9.35
C GLY B 189 6.00 18.66 -8.40
N SER B 190 5.61 17.41 -8.62
CA SER B 190 4.62 16.74 -7.78
C SER B 190 5.22 15.44 -7.31
N ILE B 191 5.14 15.15 -6.02
CA ILE B 191 5.65 13.89 -5.47
C ILE B 191 4.50 13.08 -4.89
N PHE B 192 4.51 11.76 -5.10
CA PHE B 192 3.49 10.83 -4.64
C PHE B 192 4.12 9.49 -4.22
N ASN B 193 3.45 8.74 -3.35
CA ASN B 193 3.92 7.42 -2.94
C ASN B 193 3.68 6.46 -4.09
N ALA B 194 4.71 5.73 -4.51
CA ALA B 194 4.61 4.77 -5.61
C ALA B 194 3.54 3.70 -5.38
N VAL B 195 3.32 3.28 -4.12
CA VAL B 195 2.27 2.28 -3.83
C VAL B 195 0.89 2.77 -4.35
N LYS B 196 0.61 4.07 -4.21
CA LYS B 196 -0.65 4.69 -4.63
C LYS B 196 -0.76 5.00 -6.11
N VAL B 197 0.30 5.54 -6.75
CA VAL B 197 0.21 6.01 -8.13
C VAL B 197 0.90 5.17 -9.17
N CYS B 198 1.74 4.18 -8.81
CA CYS B 198 2.44 3.40 -9.84
C CYS B 198 2.21 1.91 -9.73
N ARG B 199 1.97 1.26 -10.88
CA ARG B 199 1.76 -0.17 -10.90
C ARG B 199 3.03 -0.92 -10.45
N ASN B 200 4.14 -0.76 -11.19
CA ASN B 200 5.37 -1.46 -10.94
C ASN B 200 6.56 -0.49 -10.96
N VAL B 201 6.69 0.32 -9.90
CA VAL B 201 7.79 1.29 -9.76
C VAL B 201 9.16 0.63 -9.89
N ASP B 202 9.31 -0.65 -9.50
CA ASP B 202 10.58 -1.36 -9.63
C ASP B 202 11.08 -1.43 -11.10
N GLN B 203 10.18 -1.27 -12.09
CA GLN B 203 10.53 -1.30 -13.51
C GLN B 203 11.03 0.07 -14.01
N ILE B 204 10.86 1.16 -13.24
CA ILE B 204 11.27 2.49 -13.68
C ILE B 204 12.79 2.61 -13.52
N GLN B 205 13.47 3.01 -14.59
CA GLN B 205 14.92 3.10 -14.61
C GLN B 205 15.46 4.33 -13.88
N LEU B 206 16.65 4.21 -13.32
CA LEU B 206 17.36 5.33 -12.70
C LEU B 206 18.47 5.82 -13.62
N ASP B 207 19.12 4.91 -14.37
CA ASP B 207 20.24 5.22 -15.26
C ASP B 207 19.83 5.82 -16.62
N LYS B 208 18.58 6.26 -16.80
CA LYS B 208 18.14 6.88 -18.06
C LYS B 208 16.87 7.70 -17.86
N HIS B 209 16.59 8.67 -18.76
CA HIS B 209 15.42 9.55 -18.60
C HIS B 209 14.08 8.90 -18.96
N GLN B 210 13.05 9.20 -18.15
CA GLN B 210 11.71 8.65 -18.32
C GLN B 210 10.69 9.79 -18.46
N ALA B 211 9.66 9.56 -19.28
CA ALA B 211 8.56 10.48 -19.49
C ALA B 211 7.18 9.77 -19.36
N LEU B 212 6.14 10.53 -19.07
CA LEU B 212 4.78 10.00 -18.92
C LEU B 212 4.00 10.31 -20.19
N ARG B 213 3.49 9.28 -20.90
CA ARG B 213 2.69 9.47 -22.11
C ARG B 213 1.25 9.25 -21.71
N ILE B 214 0.50 10.32 -21.42
CA ILE B 214 -0.87 10.22 -20.95
C ILE B 214 -1.81 9.63 -22.01
N PHE B 215 -2.61 8.63 -21.66
CA PHE B 215 -3.56 8.01 -22.59
C PHE B 215 -5.01 7.98 -22.04
N PHE B 216 -5.26 8.46 -20.80
CA PHE B 216 -6.59 8.44 -20.25
C PHE B 216 -6.78 9.53 -19.21
N LEU B 217 -7.90 10.24 -19.24
CA LEU B 217 -8.26 11.28 -18.28
C LEU B 217 -9.58 10.89 -17.68
N SER B 218 -9.67 10.75 -16.35
CA SER B 218 -10.89 10.41 -15.64
C SER B 218 -11.33 11.67 -14.90
N ILE B 219 -12.61 12.01 -14.97
CA ILE B 219 -13.16 13.24 -14.38
C ILE B 219 -14.35 12.93 -13.49
N THR B 220 -14.46 13.60 -12.33
CA THR B 220 -15.63 13.50 -11.48
C THR B 220 -16.19 14.90 -11.36
N LYS B 221 -17.45 15.11 -11.76
CA LYS B 221 -18.11 16.40 -11.62
C LYS B 221 -18.50 16.54 -10.13
N LEU B 222 -18.23 17.70 -9.54
CA LEU B 222 -18.51 18.01 -8.14
C LEU B 222 -19.36 19.28 -8.03
N ASN B 223 -20.12 19.39 -6.93
CA ASN B 223 -20.99 20.54 -6.61
C ASN B 223 -20.19 21.57 -5.78
N ASP B 224 -20.80 22.72 -5.39
CA ASP B 224 -20.11 23.68 -4.52
C ASP B 224 -19.81 23.09 -3.11
N SER B 225 -20.46 21.97 -2.75
CA SER B 225 -20.22 21.26 -1.51
C SER B 225 -18.77 20.71 -1.52
N GLY B 226 -18.34 20.19 -2.67
CA GLY B 226 -17.01 19.65 -2.84
C GLY B 226 -17.00 18.18 -2.49
N ILE B 227 -16.02 17.76 -1.66
CA ILE B 227 -15.99 16.34 -1.28
C ILE B 227 -15.78 16.28 0.31
N TYR B 228 -16.20 15.15 0.89
CA TYR B 228 -16.03 14.93 2.32
C TYR B 228 -15.59 13.50 2.52
N MET B 229 -14.51 13.32 3.28
CA MET B 229 -14.00 12.00 3.64
C MET B 229 -13.88 11.94 5.15
N ILE B 230 -14.27 10.82 5.78
CA ILE B 230 -14.17 10.68 7.23
C ILE B 230 -12.67 10.66 7.59
N PRO B 231 -12.17 11.46 8.56
CA PRO B 231 -10.72 11.42 8.85
C PRO B 231 -10.21 10.06 9.25
N ARG B 232 -8.96 9.74 8.85
CA ARG B 232 -8.27 8.48 9.15
C ARG B 232 -8.35 8.13 10.64
N THR B 233 -8.15 9.10 11.55
CA THR B 233 -8.21 8.83 12.99
C THR B 233 -9.59 8.34 13.43
N MET B 234 -10.67 8.90 12.87
CA MET B 234 -12.02 8.45 13.21
C MET B 234 -12.24 7.04 12.67
N LEU B 235 -11.76 6.75 11.45
CA LEU B 235 -11.90 5.43 10.85
C LEU B 235 -11.09 4.34 11.56
N GLU B 236 -9.89 4.66 12.07
CA GLU B 236 -9.03 3.68 12.75
C GLU B 236 -9.46 3.40 14.20
N PHE B 237 -10.44 4.14 14.75
CA PHE B 237 -10.85 3.95 16.14
C PHE B 237 -11.50 2.58 16.37
N ARG B 238 -11.04 1.88 17.42
CA ARG B 238 -11.55 0.59 17.82
C ARG B 238 -11.88 0.63 19.31
N ARG B 239 -12.97 -0.01 19.71
CA ARG B 239 -13.44 0.02 21.10
C ARG B 239 -14.06 -1.30 21.48
N ASN B 240 -13.96 -1.68 22.76
CA ASN B 240 -14.55 -2.91 23.25
C ASN B 240 -16.08 -2.84 23.20
N ASN B 241 -16.72 -4.02 23.11
CA ASN B 241 -18.17 -4.17 23.13
C ASN B 241 -18.85 -3.29 22.07
N ALA B 242 -18.27 -3.22 20.88
CA ALA B 242 -18.81 -2.41 19.79
C ALA B 242 -18.94 -3.24 18.53
N ILE B 243 -19.87 -2.85 17.65
CA ILE B 243 -20.13 -3.48 16.38
C ILE B 243 -19.75 -2.47 15.31
N ALA B 244 -18.80 -2.82 14.48
CA ALA B 244 -18.36 -1.98 13.38
C ALA B 244 -19.35 -2.17 12.22
N PHE B 245 -19.95 -1.08 11.76
CA PHE B 245 -20.87 -1.10 10.63
C PHE B 245 -20.01 -0.89 9.39
N ASN B 246 -19.67 -2.00 8.70
CA ASN B 246 -18.87 -1.96 7.50
C ASN B 246 -19.70 -2.27 6.26
N LEU B 247 -19.30 -1.76 5.11
CA LEU B 247 -19.99 -2.07 3.85
C LEU B 247 -19.01 -2.82 2.97
N LEU B 248 -19.49 -3.84 2.28
CA LEU B 248 -18.71 -4.65 1.37
C LEU B 248 -19.29 -4.40 -0.02
N VAL B 249 -18.48 -3.77 -0.88
CA VAL B 249 -18.87 -3.38 -2.22
C VAL B 249 -18.19 -4.31 -3.22
N TYR B 250 -18.98 -4.93 -4.11
CA TYR B 250 -18.47 -5.80 -5.15
C TYR B 250 -18.43 -5.00 -6.46
N LEU B 251 -17.29 -5.03 -7.15
CA LEU B 251 -17.10 -4.33 -8.41
C LEU B 251 -16.96 -5.30 -9.54
N LYS B 252 -17.56 -5.00 -10.68
CA LYS B 252 -17.37 -5.81 -11.89
C LYS B 252 -16.42 -4.95 -12.76
N ILE B 253 -15.15 -5.36 -12.88
CA ILE B 253 -14.14 -4.60 -13.64
C ILE B 253 -14.08 -5.13 -15.08
N ASP B 254 -14.33 -4.25 -16.06
CA ASP B 254 -14.33 -4.56 -17.49
C ASP B 254 -15.13 -5.84 -17.79
N ALA B 255 -16.30 -5.94 -17.17
CA ALA B 255 -17.13 -7.14 -17.32
C ALA B 255 -17.64 -7.33 -18.72
N ASP B 256 -17.86 -8.61 -19.08
CA ASP B 256 -18.40 -8.95 -20.38
C ASP B 256 -19.92 -8.75 -20.25
N LEU B 257 -20.42 -7.67 -20.87
CA LEU B 257 -21.84 -7.32 -20.80
C LEU B 257 -22.75 -8.35 -21.48
N SER B 258 -22.22 -9.14 -22.42
CA SER B 258 -23.00 -10.20 -23.07
C SER B 258 -23.32 -11.36 -22.08
N LYS B 259 -22.56 -11.47 -20.96
CA LYS B 259 -22.79 -12.51 -19.94
C LYS B 259 -23.77 -12.07 -18.85
N MET B 260 -24.48 -10.95 -19.03
CA MET B 260 -25.44 -10.46 -18.06
C MET B 260 -26.58 -11.45 -17.94
N GLY B 261 -26.96 -11.76 -16.71
CA GLY B 261 -28.09 -12.64 -16.46
C GLY B 261 -27.87 -14.13 -16.66
N ILE B 262 -26.62 -14.59 -16.86
CA ILE B 262 -26.31 -16.01 -17.01
C ILE B 262 -25.09 -16.34 -16.14
N GLN B 263 -25.18 -17.43 -15.35
CA GLN B 263 -24.12 -17.87 -14.41
C GLN B 263 -22.71 -17.82 -15.01
N LYS B 272 -14.18 -11.80 -13.08
CA LYS B 272 -14.07 -10.34 -13.11
C LYS B 272 -14.68 -9.65 -11.88
N VAL B 273 -15.01 -10.42 -10.81
CA VAL B 273 -15.61 -9.83 -9.62
C VAL B 273 -14.58 -9.75 -8.50
N ALA B 274 -14.42 -8.54 -7.95
CA ALA B 274 -13.55 -8.23 -6.84
C ALA B 274 -14.41 -7.43 -5.84
N SER B 275 -13.96 -7.25 -4.61
CA SER B 275 -14.69 -6.49 -3.62
C SER B 275 -13.76 -5.68 -2.74
N PHE B 276 -14.32 -4.65 -2.13
CA PHE B 276 -13.59 -3.83 -1.17
C PHE B 276 -14.53 -3.49 -0.02
N MET B 277 -13.96 -3.29 1.16
CA MET B 277 -14.70 -3.02 2.36
C MET B 277 -14.37 -1.66 2.91
N LEU B 278 -15.37 -0.96 3.39
CA LEU B 278 -15.19 0.34 4.00
C LEU B 278 -15.89 0.36 5.35
N HIS B 279 -15.39 1.18 6.26
CA HIS B 279 -15.91 1.29 7.61
C HIS B 279 -16.69 2.59 7.72
N LEU B 280 -17.91 2.54 8.25
CA LEU B 280 -18.77 3.71 8.42
C LEU B 280 -18.73 4.28 9.84
N GLY B 281 -18.70 3.40 10.83
CA GLY B 281 -18.69 3.79 12.23
C GLY B 281 -19.04 2.61 13.13
N ASN B 282 -19.18 2.85 14.43
CA ASN B 282 -19.49 1.79 15.41
C ASN B 282 -20.82 2.05 16.14
N PHE B 283 -21.47 0.97 16.60
CA PHE B 283 -22.67 0.96 17.46
C PHE B 283 -22.27 0.22 18.76
N VAL B 284 -22.98 0.46 19.88
CA VAL B 284 -22.68 -0.27 21.12
C VAL B 284 -23.36 -1.64 21.05
N ARG B 285 -22.62 -2.71 21.42
CA ARG B 285 -23.20 -4.05 21.47
C ARG B 285 -23.90 -4.14 22.83
N ARG B 286 -25.23 -4.29 22.86
CA ARG B 286 -25.98 -4.34 24.11
C ARG B 286 -25.92 -5.75 24.69
N LYS B 289 -30.01 -9.37 24.03
CA LYS B 289 -29.96 -8.49 22.87
C LYS B 289 -29.26 -9.18 21.69
N TYR B 290 -30.01 -9.99 20.93
CA TYR B 290 -29.46 -10.73 19.78
C TYR B 290 -29.55 -9.91 18.48
N TYR B 291 -28.38 -9.56 17.93
CA TYR B 291 -28.31 -8.79 16.69
C TYR B 291 -28.52 -9.70 15.49
N SER B 292 -29.79 -10.06 15.25
CA SER B 292 -30.17 -10.93 14.14
C SER B 292 -30.04 -10.21 12.79
N VAL B 293 -30.00 -10.99 11.69
CA VAL B 293 -29.94 -10.45 10.34
C VAL B 293 -31.19 -9.61 10.07
N ASP B 294 -32.36 -10.06 10.54
CA ASP B 294 -33.63 -9.35 10.35
C ASP B 294 -33.67 -7.95 11.01
N TYR B 295 -33.32 -7.84 12.31
CA TYR B 295 -33.36 -6.57 13.04
C TYR B 295 -32.42 -5.52 12.42
N CYS B 296 -31.17 -5.92 12.18
CA CYS B 296 -30.18 -5.01 11.63
C CYS B 296 -30.54 -4.58 10.22
N ARG B 297 -31.10 -5.50 9.41
CA ARG B 297 -31.52 -5.19 8.05
C ARG B 297 -32.54 -4.06 8.04
N ARG B 298 -33.52 -4.08 8.95
CA ARG B 298 -34.54 -3.02 9.00
C ARG B 298 -33.96 -1.69 9.45
N LYS B 299 -33.05 -1.70 10.46
CA LYS B 299 -32.40 -0.47 10.91
C LYS B 299 -31.59 0.16 9.76
N ILE B 300 -30.82 -0.67 9.03
CA ILE B 300 -30.03 -0.18 7.91
C ILE B 300 -30.94 0.31 6.77
N ASP B 301 -32.02 -0.40 6.45
CA ASP B 301 -32.96 0.04 5.40
C ASP B 301 -33.54 1.42 5.70
N ARG B 302 -33.74 1.77 7.01
CA ARG B 302 -34.25 3.09 7.39
C ARG B 302 -33.27 4.21 7.00
N MET B 303 -31.97 3.93 6.97
CA MET B 303 -30.94 4.91 6.58
C MET B 303 -31.05 5.27 5.09
N LYS B 304 -31.59 4.38 4.24
CA LYS B 304 -31.74 4.62 2.81
C LYS B 304 -30.45 5.10 2.15
N LEU B 305 -29.41 4.29 2.23
CA LEU B 305 -28.11 4.62 1.65
C LEU B 305 -28.16 4.48 0.14
N GLN B 306 -27.52 5.44 -0.59
CA GLN B 306 -27.45 5.41 -2.05
C GLN B 306 -25.96 5.40 -2.42
N PHE B 307 -25.58 4.52 -3.34
CA PHE B 307 -24.20 4.33 -3.73
C PHE B 307 -23.99 4.68 -5.14
N SER B 308 -22.87 5.34 -5.43
CA SER B 308 -22.50 5.70 -6.78
C SER B 308 -20.97 5.74 -6.88
N LEU B 309 -20.46 5.60 -8.11
CA LEU B 309 -19.04 5.62 -8.36
C LEU B 309 -18.56 7.00 -8.78
N GLY B 310 -17.30 7.26 -8.48
CA GLY B 310 -16.56 8.43 -8.88
C GLY B 310 -15.14 8.03 -9.23
N SER B 311 -14.27 9.03 -9.50
CA SER B 311 -12.86 8.78 -9.82
C SER B 311 -11.91 9.47 -8.84
N ILE B 312 -12.35 9.81 -7.60
CA ILE B 312 -11.47 10.47 -6.64
C ILE B 312 -10.39 9.47 -6.21
N GLY B 313 -9.16 9.73 -6.64
CA GLY B 313 -8.04 8.83 -6.36
C GLY B 313 -8.00 7.59 -7.24
N GLY B 314 -8.73 7.58 -8.34
CA GLY B 314 -8.78 6.44 -9.24
C GLY B 314 -10.20 5.93 -9.34
N LEU B 315 -10.70 5.38 -8.25
CA LEU B 315 -12.09 4.96 -8.14
C LEU B 315 -12.54 5.27 -6.75
N SER B 316 -13.66 5.94 -6.62
CA SER B 316 -14.20 6.28 -5.31
C SER B 316 -15.66 5.85 -5.19
N LEU B 317 -16.11 5.59 -3.97
CA LEU B 317 -17.49 5.24 -3.72
C LEU B 317 -18.11 6.35 -2.92
N HIS B 318 -19.23 6.88 -3.43
CA HIS B 318 -19.94 7.99 -2.83
C HIS B 318 -21.23 7.47 -2.21
N ILE B 319 -21.47 7.79 -0.94
CA ILE B 319 -22.67 7.36 -0.21
C ILE B 319 -23.50 8.59 0.14
N LYS B 320 -24.80 8.55 -0.16
CA LYS B 320 -25.72 9.58 0.26
C LYS B 320 -26.68 8.94 1.28
N ILE B 321 -26.81 9.55 2.46
CA ILE B 321 -27.70 9.07 3.51
C ILE B 321 -29.03 9.76 3.24
N ASN B 322 -29.99 9.05 2.64
CA ASN B 322 -31.29 9.63 2.29
C ASN B 322 -32.41 9.40 3.31
N GLY B 323 -32.12 8.73 4.41
CA GLY B 323 -33.12 8.40 5.42
C GLY B 323 -32.78 8.82 6.82
N VAL B 324 -33.17 7.99 7.80
CA VAL B 324 -32.97 8.27 9.20
C VAL B 324 -31.75 7.55 9.74
N ILE B 325 -30.98 8.24 10.58
CA ILE B 325 -29.76 7.71 11.20
C ILE B 325 -29.66 8.22 12.64
N SER B 326 -29.10 7.40 13.56
CA SER B 326 -28.97 7.82 14.95
C SER B 326 -27.93 8.94 15.09
N LYS B 327 -28.11 9.81 16.10
CA LYS B 327 -27.17 10.91 16.33
C LYS B 327 -25.77 10.40 16.69
N ARG B 328 -25.68 9.27 17.41
CA ARG B 328 -24.39 8.71 17.81
C ARG B 328 -23.59 8.23 16.60
N LEU B 329 -24.25 7.62 15.61
CA LEU B 329 -23.59 7.14 14.40
C LEU B 329 -23.31 8.28 13.43
N PHE B 330 -24.24 9.24 13.29
CA PHE B 330 -24.07 10.37 12.37
C PHE B 330 -22.94 11.29 12.84
N ALA B 331 -22.71 11.41 14.17
CA ALA B 331 -21.61 12.20 14.69
C ALA B 331 -20.27 11.65 14.21
N GLN B 332 -20.14 10.32 14.16
CA GLN B 332 -18.93 9.65 13.70
C GLN B 332 -18.65 9.87 12.19
N MET B 333 -19.66 10.30 11.43
CA MET B 333 -19.56 10.64 10.01
C MET B 333 -19.50 12.18 9.81
N GLY B 334 -19.14 12.95 10.85
CA GLY B 334 -19.08 14.41 10.78
C GLY B 334 -20.42 15.10 10.53
N PHE B 335 -21.55 14.38 10.71
CA PHE B 335 -22.89 14.90 10.41
C PHE B 335 -22.96 15.30 8.93
N GLN B 336 -22.39 14.46 8.04
CA GLN B 336 -22.36 14.72 6.61
C GLN B 336 -23.20 13.69 5.89
N LYS B 337 -24.25 14.13 5.17
CA LYS B 337 -25.12 13.23 4.41
C LYS B 337 -24.41 12.65 3.18
N ASN B 338 -23.33 13.27 2.69
CA ASN B 338 -22.59 12.80 1.53
C ASN B 338 -21.19 12.45 1.96
N LEU B 339 -20.83 11.18 1.78
CA LEU B 339 -19.52 10.64 2.15
C LEU B 339 -18.84 10.11 0.92
N CYS B 340 -17.53 10.30 0.85
CA CYS B 340 -16.73 9.80 -0.24
C CYS B 340 -15.63 8.91 0.34
N PHE B 341 -15.35 7.76 -0.30
CA PHE B 341 -14.29 6.86 0.11
C PHE B 341 -13.47 6.56 -1.12
N SER B 342 -12.15 6.74 -1.07
CA SER B 342 -11.30 6.45 -2.21
C SER B 342 -10.70 5.04 -2.10
N LEU B 343 -10.72 4.31 -3.20
CA LEU B 343 -10.10 2.99 -3.28
C LEU B 343 -8.56 3.12 -3.21
N MET B 344 -7.99 4.30 -3.50
CA MET B 344 -6.56 4.53 -3.33
C MET B 344 -6.16 4.36 -1.85
N ASP B 345 -7.08 4.65 -0.90
CA ASP B 345 -6.82 4.47 0.53
C ASP B 345 -7.22 3.08 1.01
N ILE B 346 -8.37 2.58 0.53
CA ILE B 346 -8.89 1.29 0.95
C ILE B 346 -8.02 0.15 0.45
N ASN B 347 -7.73 0.13 -0.86
CA ASN B 347 -6.95 -0.96 -1.44
C ASN B 347 -6.21 -0.47 -2.66
N PRO B 348 -4.98 0.08 -2.53
CA PRO B 348 -4.29 0.58 -3.72
C PRO B 348 -4.00 -0.46 -4.81
N TRP B 349 -3.95 -1.78 -4.50
N TRP B 349 -3.92 -1.77 -4.50
CA TRP B 349 -3.70 -2.82 -5.52
CA TRP B 349 -3.70 -2.78 -5.55
C TRP B 349 -4.93 -2.98 -6.41
C TRP B 349 -4.94 -2.86 -6.42
N LEU B 350 -6.12 -3.08 -5.81
CA LEU B 350 -7.36 -3.20 -6.57
C LEU B 350 -7.64 -1.89 -7.34
N ASN B 351 -7.32 -0.75 -6.74
CA ASN B 351 -7.48 0.55 -7.38
C ASN B 351 -6.74 0.61 -8.74
N ARG B 352 -5.50 0.09 -8.81
CA ARG B 352 -4.71 0.07 -10.05
C ARG B 352 -5.42 -0.69 -11.18
N LEU B 353 -6.16 -1.76 -10.84
CA LEU B 353 -6.88 -2.53 -11.85
C LEU B 353 -8.07 -1.78 -12.43
N THR B 354 -8.60 -0.76 -11.73
CA THR B 354 -9.74 0.03 -12.19
C THR B 354 -9.35 1.07 -13.23
N TRP B 355 -8.08 1.55 -13.22
CA TRP B 355 -7.58 2.59 -14.11
C TRP B 355 -7.80 2.19 -15.57
N ASN B 356 -8.45 3.06 -16.36
CA ASN B 356 -8.74 2.80 -17.77
C ASN B 356 -9.52 1.50 -18.02
N ASN B 357 -10.41 1.14 -17.08
CA ASN B 357 -11.29 -0.01 -17.18
C ASN B 357 -12.67 0.42 -16.71
N SER B 358 -13.73 -0.06 -17.40
CA SER B 358 -15.09 0.27 -16.98
C SER B 358 -15.36 -0.41 -15.64
N CYS B 359 -16.00 0.28 -14.71
CA CYS B 359 -16.32 -0.29 -13.42
C CYS B 359 -17.77 -0.08 -13.11
N GLU B 360 -18.35 -1.05 -12.41
CA GLU B 360 -19.74 -0.96 -11.99
C GLU B 360 -19.88 -1.65 -10.64
N ILE B 361 -20.71 -1.08 -9.76
CA ILE B 361 -21.01 -1.69 -8.49
C ILE B 361 -22.03 -2.78 -8.82
N SER B 362 -21.66 -4.06 -8.66
CA SER B 362 -22.58 -5.15 -8.96
C SER B 362 -23.47 -5.50 -7.76
N ARG B 363 -23.00 -5.25 -6.53
CA ARG B 363 -23.72 -5.62 -5.32
C ARG B 363 -23.06 -4.95 -4.10
N VAL B 364 -23.85 -4.63 -3.06
CA VAL B 364 -23.36 -4.05 -1.80
C VAL B 364 -24.03 -4.82 -0.66
N ALA B 365 -23.24 -5.29 0.31
CA ALA B 365 -23.74 -5.98 1.50
C ALA B 365 -23.24 -5.22 2.73
N ALA B 366 -24.03 -5.22 3.81
CA ALA B 366 -23.57 -4.63 5.05
C ALA B 366 -22.93 -5.77 5.85
N VAL B 367 -21.79 -5.51 6.48
CA VAL B 367 -21.10 -6.52 7.28
C VAL B 367 -20.90 -5.94 8.67
N LEU B 368 -21.57 -6.51 9.69
CA LEU B 368 -21.39 -6.04 11.06
C LEU B 368 -20.42 -6.96 11.76
N GLN B 369 -19.33 -6.39 12.23
CA GLN B 369 -18.22 -7.15 12.79
C GLN B 369 -17.89 -6.66 14.18
N PRO B 370 -17.19 -7.44 15.03
CA PRO B 370 -16.67 -6.84 16.26
C PRO B 370 -15.65 -5.73 15.93
N SER B 371 -15.34 -4.87 16.89
CA SER B 371 -14.43 -3.76 16.67
C SER B 371 -12.97 -4.10 17.08
N ILE B 372 -12.71 -4.60 18.31
CA ILE B 372 -11.33 -4.90 18.72
C ILE B 372 -10.93 -6.33 18.29
N PRO B 373 -9.64 -6.60 17.97
CA PRO B 373 -9.27 -7.96 17.56
C PRO B 373 -9.64 -9.11 18.50
N ARG B 374 -9.48 -8.96 19.84
CA ARG B 374 -9.84 -10.07 20.75
C ARG B 374 -11.30 -10.51 20.64
N GLU B 375 -12.20 -9.59 20.24
CA GLU B 375 -13.61 -9.94 20.09
C GLU B 375 -13.92 -10.67 18.78
N PHE B 376 -12.95 -10.77 17.84
CA PHE B 376 -13.13 -11.58 16.63
C PHE B 376 -13.17 -13.09 16.99
N MET B 377 -12.55 -13.51 18.10
CA MET B 377 -12.65 -14.91 18.55
C MET B 377 -14.04 -15.21 19.14
N ILE B 378 -14.77 -14.20 19.62
CA ILE B 378 -16.05 -14.42 20.28
C ILE B 378 -17.22 -14.30 19.32
N TYR B 379 -17.30 -13.19 18.56
CA TYR B 379 -18.44 -12.86 17.70
C TYR B 379 -18.16 -13.02 16.23
N ASP B 380 -19.05 -13.72 15.53
CA ASP B 380 -18.92 -13.87 14.08
C ASP B 380 -19.51 -12.61 13.40
N ASP B 381 -19.30 -12.48 12.09
CA ASP B 381 -19.82 -11.36 11.32
C ASP B 381 -21.29 -11.60 10.96
N VAL B 382 -22.11 -10.52 10.90
CA VAL B 382 -23.49 -10.58 10.47
C VAL B 382 -23.48 -10.02 9.06
N PHE B 383 -23.81 -10.85 8.08
CA PHE B 383 -23.78 -10.49 6.65
C PHE B 383 -25.19 -10.19 6.13
N ILE B 384 -25.47 -8.93 5.74
CA ILE B 384 -26.79 -8.54 5.23
C ILE B 384 -26.62 -8.19 3.77
N ASP B 385 -26.97 -9.11 2.88
CA ASP B 385 -26.77 -8.90 1.45
C ASP B 385 -27.75 -7.88 0.86
N ASN B 386 -27.35 -7.25 -0.25
CA ASN B 386 -28.16 -6.32 -1.03
C ASN B 386 -28.76 -5.18 -0.24
N THR B 387 -27.89 -4.42 0.39
CA THR B 387 -28.25 -3.27 1.19
C THR B 387 -28.24 -1.99 0.33
N GLY B 388 -29.03 -1.01 0.74
CA GLY B 388 -29.12 0.29 0.08
C GLY B 388 -29.61 0.24 -1.34
N ARG B 389 -29.27 1.27 -2.13
CA ARG B 389 -29.69 1.44 -3.52
C ARG B 389 -28.46 1.87 -4.38
N ILE B 390 -28.11 1.08 -5.39
CA ILE B 390 -27.00 1.41 -6.30
C ILE B 390 -27.60 2.32 -7.38
N LEU B 391 -26.95 3.45 -7.71
CA LEU B 391 -27.52 4.40 -8.69
C LEU B 391 -27.30 4.12 -10.19
N LYS B 392 -26.17 3.52 -10.61
CA LYS B 392 -25.96 3.27 -12.05
C LYS B 392 -24.81 2.29 -12.31
#